data_4W7Y
#
_entry.id   4W7Y
#
_cell.length_a   118.870
_cell.length_b   118.870
_cell.length_c   30.630
_cell.angle_alpha   90.00
_cell.angle_beta   90.00
_cell.angle_gamma   120.00
#
_symmetry.space_group_name_H-M   'P 65'
#
loop_
_entity.id
_entity.type
_entity.pdbx_description
1 polymer 'B-cell receptor-associated protein 29'
2 non-polymer (4S)-2-METHYL-2,4-PENTANEDIOL
3 non-polymer 'ACETATE ION'
4 water water
#
_entity_poly.entity_id   1
_entity_poly.type   'polypeptide(L)'
_entity_poly.pdbx_seq_one_letter_code
;S(MSE)DEECVLEAENKKLVEDQEKLKTELRKTSDALSKAQNDV(MSE)E(MSE)K(MSE)QSERLSKEYDQLLKEHSEL
;
_entity_poly.pdbx_strand_id   A,B
#
loop_
_chem_comp.id
_chem_comp.type
_chem_comp.name
_chem_comp.formula
ACT non-polymer 'ACETATE ION' 'C2 H3 O2 -1'
MPD non-polymer (4S)-2-METHYL-2,4-PENTANEDIOL 'C6 H14 O2'
#
# COMPACT_ATOMS: atom_id res chain seq x y z
N SER A 1 17.59 -4.15 41.85
CA SER A 1 17.41 -5.40 42.57
C SER A 1 16.99 -6.49 41.59
N MSE A 2 17.20 -7.73 41.98
CA MSE A 2 16.82 -8.87 41.19
C MSE A 2 15.33 -8.82 40.75
O MSE A 2 15.01 -9.18 39.63
CB MSE A 2 17.12 -10.16 41.96
CG MSE A 2 16.88 -11.44 41.12
SE MSE A 2 17.98 -11.36 39.50
CE MSE A 2 19.64 -11.00 40.45
N ASP A 3 14.45 -8.34 41.60
CA ASP A 3 13.03 -8.28 41.26
C ASP A 3 12.73 -7.24 40.19
N GLU A 4 13.36 -6.07 40.29
CA GLU A 4 13.14 -4.98 39.36
C GLU A 4 13.59 -5.42 37.97
N GLU A 5 14.71 -6.12 37.95
CA GLU A 5 15.28 -6.68 36.75
C GLU A 5 14.33 -7.67 36.07
N CYS A 6 13.67 -8.48 36.88
CA CYS A 6 12.82 -9.54 36.31
C CYS A 6 11.54 -8.91 35.75
N VAL A 7 11.10 -7.81 36.38
CA VAL A 7 10.00 -7.02 35.83
C VAL A 7 10.38 -6.38 34.49
N LEU A 8 11.55 -5.74 34.46
CA LEU A 8 12.04 -5.11 33.23
C LEU A 8 12.17 -6.17 32.12
N GLU A 9 12.66 -7.32 32.49
CA GLU A 9 12.82 -8.40 31.55
C GLU A 9 11.46 -8.85 30.94
N ALA A 10 10.46 -9.02 31.79
CA ALA A 10 9.12 -9.46 31.38
C ALA A 10 8.51 -8.41 30.43
N GLU A 11 8.65 -7.15 30.82
CA GLU A 11 8.17 -6.01 30.03
C GLU A 11 8.83 -5.94 28.65
N ASN A 12 10.14 -6.17 28.63
CA ASN A 12 10.87 -6.15 27.40
C ASN A 12 10.41 -7.33 26.46
N LYS A 13 10.13 -8.49 27.02
CA LYS A 13 9.66 -9.62 26.20
C LYS A 13 8.34 -9.27 25.52
N LYS A 14 7.43 -8.67 26.30
CA LYS A 14 6.14 -8.26 25.80
C LYS A 14 6.27 -7.16 24.71
N LEU A 15 7.14 -6.19 24.94
CA LEU A 15 7.36 -5.11 23.97
C LEU A 15 7.95 -5.66 22.66
N VAL A 16 8.81 -6.64 22.75
CA VAL A 16 9.39 -7.21 21.54
C VAL A 16 8.31 -7.95 20.74
N GLU A 17 7.46 -8.66 21.46
CA GLU A 17 6.34 -9.37 20.85
C GLU A 17 5.41 -8.40 20.10
N ASP A 18 5.05 -7.30 20.77
CA ASP A 18 4.23 -6.26 20.18
C ASP A 18 4.90 -5.64 18.96
N GLN A 19 6.21 -5.45 19.04
CA GLN A 19 6.97 -4.87 17.95
C GLN A 19 6.94 -5.81 16.74
N GLU A 20 7.00 -7.11 16.97
CA GLU A 20 6.89 -8.06 15.86
C GLU A 20 5.52 -7.95 15.19
N LYS A 21 4.45 -7.93 15.99
CA LYS A 21 3.11 -7.75 15.41
C LYS A 21 2.98 -6.45 14.61
N LEU A 22 3.49 -5.36 15.19
CA LEU A 22 3.45 -4.05 14.53
C LEU A 22 4.22 -4.00 13.24
N LYS A 23 5.42 -4.57 13.24
CA LYS A 23 6.24 -4.66 12.02
C LYS A 23 5.55 -5.48 10.93
N THR A 24 4.93 -6.59 11.34
CA THR A 24 4.25 -7.42 10.40
C THR A 24 3.12 -6.61 9.77
N GLU A 25 2.34 -5.96 10.61
CA GLU A 25 1.22 -5.18 10.11
C GLU A 25 1.66 -4.02 9.20
N LEU A 26 2.73 -3.33 9.59
CA LEU A 26 3.27 -2.28 8.76
C LEU A 26 3.70 -2.84 7.40
N ARG A 27 4.31 -4.02 7.43
CA ARG A 27 4.82 -4.66 6.22
C ARG A 27 3.67 -4.98 5.26
N LYS A 28 2.60 -5.59 5.76
CA LYS A 28 1.42 -5.85 4.92
C LYS A 28 0.78 -4.58 4.36
N THR A 29 0.55 -3.61 5.25
CA THR A 29 -0.05 -2.36 4.83
C THR A 29 0.80 -1.68 3.75
N SER A 30 2.10 -1.72 3.94
CA SER A 30 3.06 -1.13 3.02
C SER A 30 3.08 -1.86 1.67
N ASP A 31 3.11 -3.17 1.68
CA ASP A 31 3.00 -3.95 0.44
C ASP A 31 1.71 -3.60 -0.29
N ALA A 32 0.61 -3.54 0.46
CA ALA A 32 -0.68 -3.26 -0.13
C ALA A 32 -0.66 -1.90 -0.79
N LEU A 33 -0.06 -0.93 -0.13
CA LEU A 33 0.05 0.40 -0.72
C LEU A 33 0.83 0.34 -2.03
N SER A 34 1.93 -0.42 -2.02
CA SER A 34 2.74 -0.55 -3.21
C SER A 34 1.97 -1.13 -4.39
N LYS A 35 1.30 -2.26 -4.13
CA LYS A 35 0.52 -2.95 -5.16
C LYS A 35 -0.55 -2.03 -5.72
N ALA A 36 -1.19 -1.27 -4.84
CA ALA A 36 -2.23 -0.35 -5.27
C ALA A 36 -1.65 0.79 -6.10
N GLN A 37 -0.42 1.19 -5.79
CA GLN A 37 0.22 2.26 -6.55
C GLN A 37 0.61 1.77 -7.93
N ASN A 38 1.06 0.51 -8.02
CA ASN A 38 1.30 -0.10 -9.33
C ASN A 38 0.05 -0.26 -10.17
N ASP A 39 -1.00 -0.76 -9.55
CA ASP A 39 -2.26 -0.89 -10.24
C ASP A 39 -2.76 0.42 -10.86
N VAL A 40 -2.59 1.51 -10.14
CA VAL A 40 -2.99 2.81 -10.66
C VAL A 40 -2.07 3.20 -11.81
N MSE A 41 -0.80 2.85 -11.70
CA MSE A 41 0.13 3.17 -12.78
C MSE A 41 -0.12 2.30 -14.01
O MSE A 41 -0.13 2.80 -15.13
CB MSE A 41 1.57 3.01 -12.31
CG MSE A 41 2.55 3.45 -13.36
SE MSE A 41 4.34 2.78 -13.06
CE MSE A 41 5.18 3.38 -14.74
N GLU A 42 -0.32 1.00 -13.78
CA GLU A 42 -0.50 0.08 -14.90
C GLU A 42 -1.79 0.37 -15.65
N MSE A 43 -2.81 0.82 -14.93
CA MSE A 43 -4.08 1.14 -15.56
C MSE A 43 -4.03 2.45 -16.34
O MSE A 43 -4.84 2.67 -17.24
CB MSE A 43 -5.17 1.22 -14.51
CG MSE A 43 -5.75 -0.12 -14.18
SE MSE A 43 -7.21 0.04 -12.93
CE MSE A 43 -7.70 -1.85 -12.78
N LYS A 44 -3.11 3.33 -15.98
CA LYS A 44 -2.99 4.59 -16.68
C LYS A 44 -2.33 4.38 -18.03
N MSE A 45 -1.21 3.66 -18.06
CA MSE A 45 -0.49 3.45 -19.31
C MSE A 45 -1.21 2.47 -20.21
O MSE A 45 -1.05 2.47 -21.43
CB MSE A 45 0.94 2.97 -19.06
CG MSE A 45 1.03 1.58 -18.50
SE MSE A 45 2.75 1.37 -17.57
CE MSE A 45 3.92 1.79 -19.07
N GLN A 46 -2.03 1.62 -19.58
CA GLN A 46 -2.96 0.80 -20.32
C GLN A 46 -4.01 1.70 -20.97
N SER A 47 -4.62 2.57 -20.16
CA SER A 47 -5.70 3.45 -20.63
C SER A 47 -5.23 4.38 -21.74
N GLU A 48 -3.99 4.87 -21.63
CA GLU A 48 -3.45 5.74 -22.67
C GLU A 48 -3.34 4.98 -23.98
N ARG A 49 -2.77 3.78 -23.90
CA ARG A 49 -2.62 2.93 -25.07
C ARG A 49 -3.97 2.70 -25.79
N LEU A 50 -4.96 2.37 -24.99
CA LEU A 50 -6.32 2.19 -25.44
C LEU A 50 -6.86 3.43 -26.14
N SER A 51 -6.66 4.62 -25.57
CA SER A 51 -7.16 5.83 -26.21
C SER A 51 -6.46 6.11 -27.54
N LYS A 52 -5.20 5.69 -27.65
CA LYS A 52 -4.47 5.94 -28.90
C LYS A 52 -5.05 5.04 -29.97
N GLU A 53 -5.38 3.83 -29.56
CA GLU A 53 -5.92 2.90 -30.53
C GLU A 53 -7.34 3.30 -30.88
N TYR A 54 -8.00 4.01 -29.98
CA TYR A 54 -9.35 4.52 -30.20
C TYR A 54 -9.36 5.61 -31.27
N ASP A 55 -8.49 6.58 -31.07
CA ASP A 55 -8.35 7.70 -32.00
C ASP A 55 -7.92 7.20 -33.37
N GLN A 56 -7.04 6.23 -33.35
CA GLN A 56 -6.55 5.62 -34.56
C GLN A 56 -7.69 4.94 -35.30
N LEU A 57 -8.53 4.23 -34.56
CA LEU A 57 -9.71 3.62 -35.16
C LEU A 57 -10.58 4.65 -35.85
N LEU A 58 -10.81 5.75 -35.14
CA LEU A 58 -11.60 6.85 -35.70
C LEU A 58 -10.99 7.34 -37.00
N LYS A 59 -9.67 7.48 -37.02
CA LYS A 59 -8.95 7.92 -38.21
C LYS A 59 -9.05 6.92 -39.37
N GLU A 60 -8.88 5.63 -39.09
CA GLU A 60 -8.99 4.56 -40.09
C GLU A 60 -10.31 4.74 -40.77
N HIS A 61 -11.31 5.15 -40.00
CA HIS A 61 -12.61 5.39 -40.62
C HIS A 61 -12.88 6.83 -41.11
N SER A 62 -11.97 7.77 -40.84
CA SER A 62 -12.19 9.14 -41.28
C SER A 62 -11.44 9.41 -42.59
N GLU A 63 -10.56 8.48 -42.97
CA GLU A 63 -9.66 8.72 -44.09
C GLU A 63 -9.80 7.58 -45.06
N LEU A 64 -10.93 6.90 -44.93
CA LEU A 64 -11.42 5.74 -45.70
C LEU A 64 -11.79 4.65 -44.69
N SER B 1 22.68 -7.80 37.89
CA SER B 1 23.49 -6.70 38.42
C SER B 1 22.91 -5.35 38.03
N MSE B 2 23.44 -4.30 38.63
CA MSE B 2 23.05 -2.93 38.32
C MSE B 2 23.37 -2.57 36.86
O MSE B 2 22.59 -1.90 36.20
CB MSE B 2 23.71 -1.95 39.28
CG MSE B 2 23.26 -0.50 39.13
SE MSE B 2 21.31 -0.32 39.32
CE MSE B 2 21.21 -1.22 41.05
N ASP B 3 24.48 -3.07 36.34
CA ASP B 3 24.82 -2.95 34.93
C ASP B 3 23.77 -3.57 34.00
N GLU B 4 23.29 -4.73 34.39
CA GLU B 4 22.29 -5.43 33.61
C GLU B 4 20.98 -4.69 33.65
N GLU B 5 20.64 -4.22 34.82
CA GLU B 5 19.43 -3.47 35.04
C GLU B 5 19.41 -2.22 34.16
N CYS B 6 20.56 -1.55 34.06
CA CYS B 6 20.69 -0.31 33.31
C CYS B 6 20.59 -0.57 31.81
N VAL B 7 21.14 -1.69 31.35
CA VAL B 7 20.96 -2.08 29.97
C VAL B 7 19.49 -2.40 29.66
N LEU B 8 18.85 -3.20 30.51
CA LEU B 8 17.44 -3.55 30.32
C LEU B 8 16.59 -2.31 30.29
N GLU B 9 16.90 -1.37 31.17
CA GLU B 9 16.16 -0.11 31.25
C GLU B 9 16.30 0.68 29.94
N ALA B 10 17.54 0.81 29.44
CA ALA B 10 17.81 1.55 28.21
C ALA B 10 17.04 0.92 27.03
N GLU B 11 17.10 -0.41 26.97
CA GLU B 11 16.39 -1.20 25.95
C GLU B 11 14.87 -0.98 26.04
N ASN B 12 14.35 -0.94 27.25
CA ASN B 12 12.93 -0.72 27.45
C ASN B 12 12.54 0.66 26.89
N LYS B 13 13.39 1.66 27.12
CA LYS B 13 13.11 3.01 26.63
C LYS B 13 13.08 3.03 25.10
N LYS B 14 14.06 2.37 24.51
CA LYS B 14 14.17 2.33 23.07
C LYS B 14 12.94 1.61 22.47
N LEU B 15 12.54 0.50 23.07
CA LEU B 15 11.41 -0.25 22.56
C LEU B 15 10.10 0.51 22.65
N VAL B 16 9.91 1.26 23.71
CA VAL B 16 8.68 2.06 23.86
C VAL B 16 8.65 3.19 22.81
N GLU B 17 9.80 3.86 22.65
CA GLU B 17 9.88 4.89 21.64
C GLU B 17 9.66 4.34 20.19
N ASP B 18 10.32 3.23 19.85
CA ASP B 18 10.12 2.58 18.57
C ASP B 18 8.68 2.14 18.37
N GLN B 19 8.01 1.78 19.45
CA GLN B 19 6.63 1.34 19.32
C GLN B 19 5.80 2.51 18.85
N GLU B 20 6.05 3.69 19.42
CA GLU B 20 5.36 4.86 18.88
C GLU B 20 5.72 5.19 17.42
N LYS B 21 7.00 5.10 17.04
CA LYS B 21 7.35 5.35 15.64
C LYS B 21 6.55 4.41 14.73
N LEU B 22 6.51 3.15 15.11
CA LEU B 22 5.83 2.16 14.31
C LEU B 22 4.34 2.43 14.24
N LYS B 23 3.72 2.79 15.37
CA LYS B 23 2.30 3.09 15.34
C LYS B 23 1.97 4.27 14.41
N THR B 24 2.76 5.34 14.49
CA THR B 24 2.48 6.48 13.62
C THR B 24 2.72 6.12 12.17
N GLU B 25 3.82 5.41 11.92
CA GLU B 25 4.19 5.01 10.58
C GLU B 25 3.08 4.15 9.96
N LEU B 26 2.57 3.23 10.76
CA LEU B 26 1.45 2.41 10.36
C LEU B 26 0.20 3.25 10.05
N ARG B 27 -0.13 4.21 10.91
CA ARG B 27 -1.32 5.04 10.74
C ARG B 27 -1.24 5.84 9.45
N LYS B 28 -0.07 6.41 9.18
CA LYS B 28 0.17 7.12 7.91
C LYS B 28 0.05 6.21 6.70
N THR B 29 0.72 5.06 6.73
CA THR B 29 0.67 4.14 5.63
C THR B 29 -0.76 3.70 5.35
N SER B 30 -1.50 3.42 6.41
CA SER B 30 -2.88 3.01 6.31
C SER B 30 -3.74 4.11 5.67
N ASP B 31 -3.53 5.36 6.08
CA ASP B 31 -4.22 6.48 5.43
C ASP B 31 -3.86 6.55 3.92
N ALA B 32 -2.57 6.42 3.61
CA ALA B 32 -2.11 6.50 2.22
C ALA B 32 -2.73 5.39 1.37
N LEU B 33 -2.75 4.19 1.91
CA LEU B 33 -3.38 3.04 1.29
C LEU B 33 -4.85 3.31 1.02
N SER B 34 -5.52 3.94 1.97
CA SER B 34 -6.94 4.27 1.82
C SER B 34 -7.12 5.16 0.58
N LYS B 35 -6.29 6.20 0.52
CA LYS B 35 -6.36 7.09 -0.64
C LYS B 35 -6.06 6.37 -1.96
N ALA B 36 -5.03 5.53 -1.94
CA ALA B 36 -4.64 4.82 -3.16
C ALA B 36 -5.72 3.82 -3.60
N GLN B 37 -6.45 3.26 -2.64
CA GLN B 37 -7.51 2.32 -2.94
C GLN B 37 -8.67 3.07 -3.62
N ASN B 38 -8.93 4.28 -3.14
CA ASN B 38 -9.90 5.12 -3.83
C ASN B 38 -9.46 5.44 -5.26
N ASP B 39 -8.19 5.80 -5.44
CA ASP B 39 -7.67 6.03 -6.79
C ASP B 39 -7.77 4.81 -7.71
N VAL B 40 -7.65 3.62 -7.13
CA VAL B 40 -7.79 2.39 -7.91
C VAL B 40 -9.21 2.27 -8.44
N MSE B 41 -10.19 2.57 -7.59
CA MSE B 41 -11.59 2.54 -8.00
C MSE B 41 -11.86 3.59 -9.06
O MSE B 41 -12.57 3.33 -10.04
CB MSE B 41 -12.53 2.76 -6.81
CG MSE B 41 -12.67 1.56 -5.89
SE MSE B 41 -13.29 -0.05 -6.82
CE MSE B 41 -11.68 -1.14 -6.61
N GLU B 42 -11.29 4.78 -8.88
CA GLU B 42 -11.43 5.83 -9.87
C GLU B 42 -10.83 5.39 -11.19
N MSE B 43 -9.55 5.02 -11.14
CA MSE B 43 -8.84 4.53 -12.32
C MSE B 43 -9.61 3.44 -13.03
O MSE B 43 -9.74 3.47 -14.25
CB MSE B 43 -7.46 4.02 -11.93
CG MSE B 43 -6.41 5.09 -12.01
SE MSE B 43 -6.63 6.02 -13.70
CE MSE B 43 -6.18 4.59 -14.92
N LYS B 44 -10.13 2.49 -12.27
CA LYS B 44 -10.93 1.39 -12.80
C LYS B 44 -12.10 1.87 -13.64
N MSE B 45 -13.03 2.62 -13.04
CA MSE B 45 -14.23 3.07 -13.74
C MSE B 45 -13.93 3.87 -15.02
O MSE B 45 -14.66 3.77 -16.01
CB MSE B 45 -15.13 3.88 -12.80
CG MSE B 45 -15.87 3.01 -11.79
SE MSE B 45 -16.95 3.95 -10.48
CE MSE B 45 -17.41 2.47 -9.30
N GLN B 46 -12.85 4.66 -15.01
CA GLN B 46 -12.40 5.34 -16.23
C GLN B 46 -11.95 4.37 -17.32
N SER B 47 -11.02 3.50 -16.95
CA SER B 47 -10.42 2.56 -17.89
C SER B 47 -11.45 1.61 -18.49
N GLU B 48 -12.36 1.12 -17.64
CA GLU B 48 -13.40 0.19 -18.09
C GLU B 48 -14.38 0.91 -19.03
N ARG B 49 -14.82 2.11 -18.63
CA ARG B 49 -15.71 2.93 -19.46
C ARG B 49 -15.08 3.15 -20.83
N LEU B 50 -13.80 3.53 -20.85
CA LEU B 50 -13.05 3.68 -22.12
C LEU B 50 -13.07 2.41 -22.98
N SER B 51 -12.81 1.29 -22.30
CA SER B 51 -12.73 -0.01 -22.92
C SER B 51 -14.07 -0.46 -23.53
N LYS B 52 -15.15 0.02 -22.92
CA LYS B 52 -16.49 -0.34 -23.35
C LYS B 52 -16.84 0.37 -24.64
N GLU B 53 -16.47 1.65 -24.78
CA GLU B 53 -16.82 2.36 -26.02
C GLU B 53 -15.88 1.91 -27.12
N TYR B 54 -14.68 1.48 -26.72
CA TYR B 54 -13.77 0.91 -27.69
C TYR B 54 -14.33 -0.38 -28.28
N ASP B 55 -14.79 -1.29 -27.41
CA ASP B 55 -15.37 -2.57 -27.86
C ASP B 55 -16.62 -2.29 -28.70
N GLN B 56 -17.41 -1.30 -28.28
CA GLN B 56 -18.61 -0.95 -29.04
C GLN B 56 -18.24 -0.40 -30.42
N LEU B 57 -17.25 0.51 -30.45
CA LEU B 57 -16.79 1.07 -31.71
C LEU B 57 -16.30 -0.05 -32.65
N LEU B 58 -15.51 -1.00 -32.13
CA LEU B 58 -15.10 -2.18 -32.91
C LEU B 58 -16.25 -3.06 -33.43
N LYS B 59 -17.24 -3.31 -32.58
CA LYS B 59 -18.37 -4.15 -32.96
C LYS B 59 -19.15 -3.51 -34.12
N GLU B 60 -19.38 -2.20 -34.03
CA GLU B 60 -20.10 -1.50 -35.10
C GLU B 60 -19.50 -1.71 -36.50
N HIS B 61 -18.17 -1.87 -36.58
CA HIS B 61 -17.50 -2.05 -37.88
C HIS B 61 -17.37 -3.50 -38.32
N SER B 62 -17.62 -4.44 -37.42
CA SER B 62 -17.33 -5.83 -37.74
C SER B 62 -18.51 -6.64 -38.23
N GLU B 63 -18.69 -6.66 -39.53
CA GLU B 63 -19.16 -7.87 -40.18
C GLU B 63 -18.54 -7.92 -41.58
N LEU B 64 -18.05 -9.08 -41.99
CA LEU B 64 -17.50 -9.18 -43.33
C LEU B 64 -18.51 -9.86 -44.25
C1 MPD C . -6.03 -4.49 5.29
C2 MPD C . -4.59 -4.91 5.49
O2 MPD C . -4.53 -5.87 6.53
CM MPD C . -3.78 -3.67 5.83
C3 MPD C . -4.00 -5.48 4.21
C4 MPD C . -4.64 -6.81 3.87
O4 MPD C . -5.11 -6.76 2.54
C5 MPD C . -3.62 -7.91 4.03
C1 MPD D . 14.44 0.16 13.17
C2 MPD D . 13.26 -0.49 13.87
O2 MPD D . 13.48 -0.51 15.26
CM MPD D . 13.17 -1.93 13.42
C3 MPD D . 11.95 0.25 13.58
C4 MPD D . 12.13 1.76 13.46
O4 MPD D . 11.28 2.28 12.46
C5 MPD D . 11.76 2.40 14.77
C ACT E . 26.06 1.44 33.66
O ACT E . 25.20 2.37 33.85
OXT ACT E . 27.23 1.60 34.09
CH3 ACT E . 25.67 0.16 32.93
#